data_9FYM
#
_entry.id   9FYM
#
_cell.length_a   43.954
_cell.length_b   50.701
_cell.length_c   153.656
_cell.angle_alpha   90.000
_cell.angle_beta   90.000
_cell.angle_gamma   90.000
#
_symmetry.space_group_name_H-M   'P 21 21 21'
#
loop_
_entity.id
_entity.type
_entity.pdbx_description
1 polymer 'Glycoside hydrolase family 20 catalytic domain-containing protein'
2 non-polymer IMIDAZOLE
3 non-polymer 'SODIUM ION'
4 non-polymer 'ZINC ION'
5 water water
#
_entity_poly.entity_id   1
_entity_poly.type   'polypeptide(L)'
_entity_poly.pdbx_seq_one_letter_code
;GSHMQTNGTMPKRKFVIAFHASVNTDKTGKNLIKELPDLQKRGINTLFLEIGYNYQWKSDPKLYNKYVLSETVAREIAAE
CRRLSIDLIPEINCLGHQSWENETFALLKAYPELDETPGLYPSNKDIYCRSLCSSNEKVYTILFGLIDEITEVFSVKKIH
VGLDEVFLIGEDACPLCRGKDKAELFAGAVNRLYDHCVKKRGFTMYMWGDRLIDSEDEDSGYKGEYESSCNGTYPAVDLI
PKDIIICDWHYDELERYGSIPYFLNKGFRVLPTSFKGIKAVNALIDYSLLYKDNPAMLGHMYTAWDNFTNKNLSRYKPMV
KTIDKLKAGN
;
_entity_poly.pdbx_strand_id   A
#
# COMPACT_ATOMS: atom_id res chain seq x y z
N THR A 9 25.08 22.22 -1.56
CA THR A 9 25.38 21.13 -2.49
C THR A 9 24.13 20.34 -2.97
N MET A 10 22.94 20.72 -2.47
CA MET A 10 21.68 20.16 -2.97
C MET A 10 20.57 21.11 -2.54
N PRO A 11 19.58 21.38 -3.38
CA PRO A 11 18.54 22.33 -2.97
C PRO A 11 17.78 21.80 -1.75
N LYS A 12 17.42 22.71 -0.84
CA LYS A 12 16.66 22.30 0.33
C LYS A 12 15.32 21.73 -0.11
N ARG A 13 14.82 20.76 0.65
CA ARG A 13 13.54 20.15 0.30
C ARG A 13 12.77 19.66 1.52
N LYS A 14 11.47 19.51 1.29
CA LYS A 14 10.49 19.09 2.27
C LYS A 14 10.12 17.64 1.95
N PHE A 15 10.24 16.79 2.95
CA PHE A 15 9.96 15.38 2.79
C PHE A 15 8.45 15.13 2.74
N VAL A 16 8.10 14.00 2.15
CA VAL A 16 6.82 13.37 2.39
C VAL A 16 6.85 12.88 3.83
N ILE A 17 5.91 13.31 4.63
CA ILE A 17 5.80 12.87 6.04
C ILE A 17 4.40 12.32 6.13
N ALA A 18 4.28 11.01 6.02
CA ALA A 18 3.00 10.37 5.79
C ALA A 18 2.56 9.52 6.97
N PHE A 19 1.26 9.33 7.08
CA PHE A 19 0.69 8.38 8.00
C PHE A 19 -0.20 7.43 7.22
N HIS A 20 -0.16 6.15 7.50
CA HIS A 20 -1.04 5.17 6.94
C HIS A 20 -2.17 4.88 7.91
N ALA A 21 -3.42 4.91 7.44
CA ALA A 21 -4.52 4.55 8.31
C ALA A 21 -5.53 3.77 7.47
N SER A 22 -6.30 2.91 8.09
CA SER A 22 -7.33 2.16 7.41
C SER A 22 -8.68 2.71 7.84
N VAL A 23 -9.60 2.78 6.90
CA VAL A 23 -10.98 3.11 7.21
C VAL A 23 -11.86 2.04 6.59
N ASN A 24 -12.79 1.49 7.37
CA ASN A 24 -13.68 0.46 6.86
C ASN A 24 -15.13 0.71 7.21
N THR A 25 -15.43 1.82 7.86
CA THR A 25 -16.79 2.14 8.30
C THR A 25 -16.90 3.63 8.42
N ASP A 26 -18.14 4.13 8.49
CA ASP A 26 -18.32 5.54 8.79
C ASP A 26 -17.68 5.91 10.13
N LYS A 27 -17.81 5.06 11.13
CA LYS A 27 -17.27 5.38 12.45
C LYS A 27 -15.75 5.56 12.40
N THR A 28 -15.04 4.63 11.76
CA THR A 28 -13.59 4.79 11.69
C THR A 28 -13.19 5.95 10.80
N GLY A 29 -14.02 6.31 9.81
CA GLY A 29 -13.78 7.52 9.04
C GLY A 29 -13.95 8.78 9.87
N LYS A 30 -15.01 8.83 10.70
CA LYS A 30 -15.24 9.99 11.56
C LYS A 30 -14.14 10.09 12.61
N ASN A 31 -13.69 8.95 13.14
CA ASN A 31 -12.56 8.98 14.09
C ASN A 31 -11.32 9.60 13.44
N LEU A 32 -11.06 9.21 12.20
CA LEU A 32 -9.90 9.75 11.51
C LEU A 32 -10.05 11.26 11.30
N ILE A 33 -11.23 11.69 10.85
CA ILE A 33 -11.46 13.11 10.63
C ILE A 33 -11.15 13.92 11.87
N LYS A 34 -11.55 13.41 13.03
CA LYS A 34 -11.31 14.15 14.27
C LYS A 34 -9.82 14.32 14.53
N GLU A 35 -8.97 13.37 14.10
CA GLU A 35 -7.54 13.40 14.32
C GLU A 35 -6.77 14.18 13.27
N LEU A 36 -7.37 14.53 12.13
CA LEU A 36 -6.60 15.18 11.08
C LEU A 36 -5.98 16.51 11.46
N PRO A 37 -6.68 17.45 12.10
CA PRO A 37 -5.99 18.70 12.52
C PRO A 37 -4.76 18.46 13.38
N ASP A 38 -4.86 17.54 14.33
CA ASP A 38 -3.72 17.26 15.20
C ASP A 38 -2.60 16.57 14.45
N LEU A 39 -2.92 15.68 13.51
CA LEU A 39 -1.87 15.10 12.66
C LEU A 39 -1.12 16.19 11.87
N GLN A 40 -1.86 17.12 11.30
CA GLN A 40 -1.22 18.20 10.54
C GLN A 40 -0.31 19.02 11.45
N LYS A 41 -0.76 19.28 12.66
CA LYS A 41 0.04 20.11 13.57
C LYS A 41 1.33 19.38 13.95
N ARG A 42 1.32 18.04 14.01
CA ARG A 42 2.53 17.30 14.26
C ARG A 42 3.55 17.42 13.13
N GLY A 43 3.07 17.67 11.91
CA GLY A 43 3.91 17.75 10.73
C GLY A 43 3.56 16.74 9.64
N ILE A 44 2.52 15.92 9.82
CA ILE A 44 2.08 15.02 8.78
C ILE A 44 1.53 15.83 7.60
N ASN A 45 2.02 15.53 6.40
CA ASN A 45 1.57 16.23 5.20
C ASN A 45 0.94 15.30 4.17
N THR A 46 0.85 13.99 4.47
CA THR A 46 0.41 13.00 3.51
C THR A 46 -0.33 11.90 4.27
N LEU A 47 -1.45 11.42 3.71
CA LEU A 47 -2.22 10.34 4.31
C LEU A 47 -2.44 9.28 3.27
N PHE A 48 -2.03 8.04 3.55
CA PHE A 48 -2.38 6.88 2.77
C PHE A 48 -3.54 6.21 3.48
N LEU A 49 -4.67 6.16 2.80
CA LEU A 49 -5.93 5.71 3.39
C LEU A 49 -6.31 4.37 2.79
N GLU A 50 -6.13 3.31 3.56
N GLU A 50 -6.20 3.30 3.59
CA GLU A 50 -6.43 1.97 3.12
CA GLU A 50 -6.44 1.94 3.12
C GLU A 50 -7.94 1.80 3.19
C GLU A 50 -7.93 1.61 3.20
N ILE A 51 -8.53 1.53 2.03
CA ILE A 51 -9.94 1.26 1.88
C ILE A 51 -10.20 -0.18 1.50
N GLY A 52 -9.36 -0.75 0.64
CA GLY A 52 -9.65 -2.08 0.15
C GLY A 52 -11.01 -2.09 -0.52
N TYR A 53 -11.83 -3.09 -0.21
CA TYR A 53 -13.19 -3.11 -0.72
C TYR A 53 -14.19 -2.47 0.23
N ASN A 54 -13.74 -1.81 1.27
CA ASN A 54 -14.64 -1.34 2.35
C ASN A 54 -15.23 0.04 2.07
N TYR A 55 -15.87 0.17 0.92
CA TYR A 55 -16.54 1.39 0.46
C TYR A 55 -17.86 0.92 -0.14
N GLN A 56 -18.86 1.82 -0.11
CA GLN A 56 -20.23 1.53 -0.61
C GLN A 56 -20.27 1.74 -2.14
N TRP A 57 -19.64 0.80 -2.84
CA TRP A 57 -19.46 0.90 -4.27
C TRP A 57 -20.75 1.04 -5.06
N LYS A 58 -20.74 1.95 -6.03
CA LYS A 58 -21.77 2.04 -7.06
C LYS A 58 -21.35 1.40 -8.36
N SER A 59 -20.06 1.35 -8.65
CA SER A 59 -19.61 0.92 -9.97
C SER A 59 -19.96 -0.53 -10.20
N ASP A 60 -19.62 -1.40 -9.24
CA ASP A 60 -20.05 -2.80 -9.24
C ASP A 60 -20.88 -3.00 -7.99
N PRO A 61 -22.20 -2.91 -8.11
CA PRO A 61 -23.04 -3.00 -6.92
C PRO A 61 -22.97 -4.33 -6.21
N LYS A 62 -22.44 -5.36 -6.85
CA LYS A 62 -22.31 -6.63 -6.15
C LYS A 62 -21.28 -6.54 -5.03
N LEU A 63 -20.40 -5.54 -5.07
CA LEU A 63 -19.38 -5.39 -4.03
C LEU A 63 -19.82 -4.43 -2.93
N TYR A 64 -20.96 -3.77 -3.07
CA TYR A 64 -21.48 -2.89 -2.05
C TYR A 64 -21.79 -3.69 -0.78
N ASN A 65 -21.55 -3.06 0.35
CA ASN A 65 -21.96 -3.57 1.64
C ASN A 65 -22.47 -2.39 2.46
N LYS A 66 -23.62 -2.54 3.11
CA LYS A 66 -24.21 -1.38 3.76
C LYS A 66 -23.50 -0.93 5.02
N TYR A 67 -22.58 -1.71 5.54
CA TYR A 67 -21.89 -1.36 6.79
C TYR A 67 -20.55 -0.68 6.58
N VAL A 68 -20.04 -0.61 5.37
CA VAL A 68 -18.70 -0.04 5.17
C VAL A 68 -18.77 1.46 4.90
N LEU A 69 -17.65 2.07 4.51
CA LEU A 69 -17.60 3.52 4.43
C LEU A 69 -18.56 4.05 3.38
N SER A 70 -19.28 5.11 3.74
CA SER A 70 -20.21 5.77 2.84
C SER A 70 -19.57 6.84 2.01
N GLU A 71 -20.26 7.22 0.95
CA GLU A 71 -19.85 8.35 0.13
C GLU A 71 -19.80 9.62 0.93
N THR A 72 -20.82 9.85 1.76
CA THR A 72 -20.85 11.09 2.51
C THR A 72 -19.63 11.25 3.41
N VAL A 73 -19.29 10.22 4.19
CA VAL A 73 -18.12 10.32 5.07
C VAL A 73 -16.82 10.34 4.26
N ALA A 74 -16.74 9.56 3.18
CA ALA A 74 -15.56 9.61 2.33
C ALA A 74 -15.27 11.02 1.84
N ARG A 75 -16.28 11.72 1.34
CA ARG A 75 -16.06 13.06 0.84
C ARG A 75 -15.67 14.01 1.97
N GLU A 76 -16.15 13.77 3.19
N GLU A 76 -16.18 13.79 3.16
CA GLU A 76 -15.79 14.60 4.31
CA GLU A 76 -15.79 14.61 4.30
C GLU A 76 -14.34 14.39 4.71
C GLU A 76 -14.31 14.43 4.58
N ILE A 77 -13.83 13.16 4.57
CA ILE A 77 -12.39 12.93 4.80
C ILE A 77 -11.58 13.75 3.81
N ALA A 78 -11.93 13.65 2.52
CA ALA A 78 -11.18 14.36 1.50
C ALA A 78 -11.24 15.86 1.69
N ALA A 79 -12.40 16.39 2.05
CA ALA A 79 -12.50 17.84 2.25
C ALA A 79 -11.64 18.31 3.41
N GLU A 80 -11.56 17.52 4.48
CA GLU A 80 -10.71 17.94 5.62
C GLU A 80 -9.24 17.86 5.27
N CYS A 81 -8.85 16.85 4.47
CA CYS A 81 -7.46 16.79 4.03
C CYS A 81 -7.11 17.96 3.13
N ARG A 82 -8.01 18.36 2.21
CA ARG A 82 -7.75 19.52 1.37
C ARG A 82 -7.60 20.78 2.22
N ARG A 83 -8.48 20.93 3.20
CA ARG A 83 -8.43 22.13 4.04
C ARG A 83 -7.09 22.23 4.77
N LEU A 84 -6.54 21.11 5.18
CA LEU A 84 -5.31 21.05 5.99
C LEU A 84 -4.06 20.89 5.14
N SER A 85 -4.19 20.83 3.82
CA SER A 85 -3.08 20.64 2.92
C SER A 85 -2.39 19.30 3.15
N ILE A 86 -3.17 18.26 3.49
CA ILE A 86 -2.68 16.88 3.58
C ILE A 86 -2.97 16.19 2.26
N ASP A 87 -1.95 15.67 1.62
CA ASP A 87 -2.10 14.94 0.36
C ASP A 87 -2.69 13.56 0.63
N LEU A 88 -3.82 13.25 0.03
CA LEU A 88 -4.56 12.03 0.31
C LEU A 88 -4.41 11.02 -0.80
N ILE A 89 -3.98 9.79 -0.45
CA ILE A 89 -3.81 8.73 -1.43
C ILE A 89 -4.59 7.51 -0.99
N PRO A 90 -5.68 7.15 -1.64
CA PRO A 90 -6.40 5.91 -1.29
C PRO A 90 -5.65 4.69 -1.74
N GLU A 91 -5.82 3.60 -0.97
CA GLU A 91 -5.18 2.31 -1.24
C GLU A 91 -6.21 1.21 -1.36
N ILE A 92 -6.15 0.49 -2.47
N ILE A 92 -6.10 0.42 -2.42
CA ILE A 92 -6.90 -0.74 -2.71
CA ILE A 92 -6.93 -0.76 -2.66
C ILE A 92 -5.91 -1.78 -3.17
C ILE A 92 -6.04 -1.85 -3.25
N ASN A 93 -5.89 -2.96 -2.55
CA ASN A 93 -5.01 -4.02 -3.03
C ASN A 93 -5.61 -4.66 -4.27
N CYS A 94 -4.95 -4.48 -5.41
CA CYS A 94 -5.46 -4.92 -6.71
C CYS A 94 -5.02 -6.31 -7.09
N LEU A 95 -4.42 -7.08 -6.18
CA LEU A 95 -4.14 -8.47 -6.52
C LEU A 95 -4.08 -9.37 -5.28
N GLY A 96 -3.41 -8.90 -4.24
CA GLY A 96 -3.21 -9.68 -3.03
C GLY A 96 -4.21 -9.29 -1.96
N HIS A 97 -4.04 -9.90 -0.79
CA HIS A 97 -4.89 -9.68 0.39
C HIS A 97 -6.38 -9.63 0.02
N GLN A 98 -6.84 -10.73 -0.51
CA GLN A 98 -8.25 -10.85 -0.93
C GLN A 98 -9.11 -11.56 0.10
N SER A 99 -8.50 -11.89 1.23
CA SER A 99 -9.13 -12.54 2.36
C SER A 99 -8.32 -12.26 3.61
N TRP A 100 -8.92 -12.56 4.77
CA TRP A 100 -8.20 -12.46 6.04
C TRP A 100 -8.79 -13.53 6.96
N GLU A 101 -7.93 -14.37 7.54
CA GLU A 101 -8.40 -15.49 8.36
C GLU A 101 -9.42 -16.27 7.52
N ASN A 102 -10.60 -16.59 8.05
CA ASN A 102 -11.57 -17.40 7.36
C ASN A 102 -12.56 -16.55 6.58
N GLU A 103 -12.33 -15.25 6.49
CA GLU A 103 -13.21 -14.31 5.80
C GLU A 103 -12.65 -14.03 4.40
N THR A 104 -13.45 -14.26 3.38
CA THR A 104 -13.06 -13.85 2.02
C THR A 104 -13.73 -12.53 1.70
N PHE A 105 -12.99 -11.62 1.08
CA PHE A 105 -13.45 -10.26 0.88
C PHE A 105 -14.41 -10.17 -0.30
N ALA A 106 -14.93 -8.97 -0.49
CA ALA A 106 -16.12 -8.79 -1.36
C ALA A 106 -15.93 -9.26 -2.79
N LEU A 107 -14.77 -9.03 -3.39
CA LEU A 107 -14.64 -9.34 -4.80
C LEU A 107 -14.71 -10.86 -5.01
N LEU A 108 -13.93 -11.63 -4.25
CA LEU A 108 -13.94 -13.09 -4.44
C LEU A 108 -15.20 -13.73 -3.89
N LYS A 109 -15.90 -13.08 -2.95
CA LYS A 109 -17.18 -13.60 -2.49
C LYS A 109 -18.21 -13.50 -3.59
N ALA A 110 -18.20 -12.38 -4.32
CA ALA A 110 -19.15 -12.15 -5.41
C ALA A 110 -18.77 -12.90 -6.68
N TYR A 111 -17.48 -13.05 -6.95
CA TYR A 111 -16.95 -13.64 -8.18
C TYR A 111 -15.87 -14.67 -7.83
N PRO A 112 -16.28 -15.81 -7.28
CA PRO A 112 -15.30 -16.86 -6.97
C PRO A 112 -14.46 -17.29 -8.14
N GLU A 113 -14.96 -17.16 -9.38
CA GLU A 113 -14.21 -17.57 -10.55
C GLU A 113 -13.01 -16.70 -10.86
N LEU A 114 -12.84 -15.57 -10.17
CA LEU A 114 -11.70 -14.69 -10.41
C LEU A 114 -10.55 -14.98 -9.47
N ASP A 115 -10.71 -16.00 -8.62
CA ASP A 115 -9.68 -16.46 -7.70
C ASP A 115 -8.54 -17.14 -8.45
N GLU A 116 -7.33 -16.96 -7.94
CA GLU A 116 -6.19 -17.64 -8.58
C GLU A 116 -6.20 -19.12 -8.28
N THR A 117 -6.82 -19.50 -7.16
CA THR A 117 -6.85 -20.90 -6.69
C THR A 117 -8.27 -21.29 -6.37
N PRO A 118 -9.14 -21.28 -7.38
CA PRO A 118 -10.54 -21.66 -7.13
C PRO A 118 -10.55 -23.10 -6.61
N GLY A 119 -11.49 -23.38 -5.71
CA GLY A 119 -11.67 -24.72 -5.20
C GLY A 119 -10.65 -25.19 -4.18
N LEU A 120 -9.63 -24.39 -3.88
CA LEU A 120 -8.58 -24.80 -2.97
C LEU A 120 -8.67 -24.03 -1.66
N TYR A 121 -7.93 -24.51 -0.67
CA TYR A 121 -7.75 -23.83 0.61
C TYR A 121 -9.10 -23.41 1.21
N PRO A 122 -9.95 -24.35 1.56
CA PRO A 122 -11.24 -23.99 2.15
C PRO A 122 -11.01 -23.22 3.45
N SER A 123 -11.82 -22.18 3.67
CA SER A 123 -11.65 -21.21 4.78
C SER A 123 -10.24 -20.64 4.83
N ASN A 124 -9.57 -20.62 3.68
CA ASN A 124 -8.24 -20.04 3.57
C ASN A 124 -7.24 -20.76 4.48
N LYS A 125 -7.49 -22.03 4.73
CA LYS A 125 -6.53 -22.80 5.52
C LYS A 125 -5.26 -23.05 4.73
N ASP A 126 -4.12 -22.96 5.43
CA ASP A 126 -2.79 -23.24 4.90
C ASP A 126 -2.23 -22.11 4.04
N ILE A 127 -2.92 -20.97 3.96
CA ILE A 127 -2.44 -19.82 3.21
C ILE A 127 -2.62 -18.58 4.07
N TYR A 128 -1.78 -17.56 3.84
CA TYR A 128 -1.97 -16.31 4.53
C TYR A 128 -3.25 -15.63 4.05
N CYS A 129 -3.42 -15.53 2.73
CA CYS A 129 -4.60 -14.89 2.15
C CYS A 129 -4.62 -15.18 0.66
N ARG A 130 -5.80 -14.98 0.06
CA ARG A 130 -6.04 -15.32 -1.33
C ARG A 130 -5.59 -14.18 -2.24
N SER A 131 -5.32 -14.54 -3.50
CA SER A 131 -4.98 -13.63 -4.57
C SER A 131 -6.00 -13.72 -5.71
N LEU A 132 -6.15 -12.60 -6.43
CA LEU A 132 -6.89 -12.63 -7.68
C LEU A 132 -6.04 -13.24 -8.79
N CYS A 133 -6.71 -13.75 -9.83
CA CYS A 133 -6.02 -14.25 -11.02
C CYS A 133 -5.55 -13.07 -11.86
N SER A 134 -4.24 -12.96 -12.05
CA SER A 134 -3.65 -11.83 -12.76
C SER A 134 -3.81 -11.93 -14.27
N SER A 135 -4.31 -13.04 -14.79
CA SER A 135 -4.56 -13.18 -16.23
C SER A 135 -6.01 -13.00 -16.63
N ASN A 136 -6.91 -12.83 -15.68
CA ASN A 136 -8.33 -12.80 -16.01
C ASN A 136 -8.80 -11.38 -16.33
N GLU A 137 -9.29 -11.18 -17.55
CA GLU A 137 -9.66 -9.84 -17.98
C GLU A 137 -10.73 -9.22 -17.10
N LYS A 138 -11.69 -10.01 -16.60
CA LYS A 138 -12.73 -9.45 -15.74
C LYS A 138 -12.16 -8.84 -14.46
N VAL A 139 -11.05 -9.36 -13.96
CA VAL A 139 -10.43 -8.75 -12.79
C VAL A 139 -10.14 -7.28 -13.07
N TYR A 140 -9.51 -7.01 -14.21
CA TYR A 140 -9.11 -5.64 -14.50
C TYR A 140 -10.32 -4.76 -14.77
N THR A 141 -11.34 -5.28 -15.45
CA THR A 141 -12.54 -4.48 -15.66
C THR A 141 -13.10 -4.00 -14.33
N ILE A 142 -13.23 -4.91 -13.35
CA ILE A 142 -13.79 -4.51 -12.07
C ILE A 142 -12.85 -3.52 -11.39
N LEU A 143 -11.57 -3.86 -11.33
CA LEU A 143 -10.62 -3.06 -10.58
C LEU A 143 -10.48 -1.65 -11.15
N PHE A 144 -10.43 -1.52 -12.47
CA PHE A 144 -10.33 -0.17 -13.03
C PHE A 144 -11.55 0.66 -12.64
N GLY A 145 -12.73 0.02 -12.60
CA GLY A 145 -13.92 0.74 -12.16
C GLY A 145 -13.86 1.17 -10.71
N LEU A 146 -13.27 0.32 -9.85
CA LEU A 146 -13.13 0.69 -8.45
C LEU A 146 -12.11 1.83 -8.28
N ILE A 147 -11.00 1.77 -9.01
CA ILE A 147 -10.00 2.84 -8.97
C ILE A 147 -10.63 4.17 -9.44
N ASP A 148 -11.36 4.13 -10.55
CA ASP A 148 -12.02 5.34 -11.02
C ASP A 148 -12.99 5.88 -9.96
N GLU A 149 -13.78 4.99 -9.36
CA GLU A 149 -14.78 5.42 -8.39
C GLU A 149 -14.13 6.03 -7.14
N ILE A 150 -13.14 5.33 -6.57
CA ILE A 150 -12.56 5.77 -5.30
C ILE A 150 -11.76 7.06 -5.45
N THR A 151 -11.05 7.22 -6.58
CA THR A 151 -10.35 8.47 -6.79
C THR A 151 -11.35 9.63 -6.98
N GLU A 152 -12.49 9.39 -7.64
CA GLU A 152 -13.46 10.47 -7.78
C GLU A 152 -14.11 10.80 -6.46
N VAL A 153 -14.41 9.79 -5.62
CA VAL A 153 -15.03 10.03 -4.34
C VAL A 153 -14.11 10.90 -3.46
N PHE A 154 -12.82 10.62 -3.51
CA PHE A 154 -11.87 11.44 -2.73
C PHE A 154 -11.34 12.66 -3.47
N SER A 155 -11.77 12.86 -4.70
CA SER A 155 -11.34 13.98 -5.57
C SER A 155 -9.81 14.08 -5.66
N VAL A 156 -9.17 12.96 -5.97
CA VAL A 156 -7.71 12.92 -6.05
C VAL A 156 -7.26 12.34 -7.40
N LYS A 157 -5.94 12.51 -7.67
CA LYS A 157 -5.29 11.95 -8.84
C LYS A 157 -4.07 11.14 -8.45
N LYS A 158 -4.23 10.38 -7.39
CA LYS A 158 -3.20 9.45 -6.92
C LYS A 158 -3.89 8.18 -6.44
N ILE A 159 -3.19 7.04 -6.55
CA ILE A 159 -3.76 5.76 -6.17
C ILE A 159 -2.62 4.85 -5.74
N HIS A 160 -2.84 4.14 -4.66
CA HIS A 160 -1.95 3.07 -4.19
C HIS A 160 -2.66 1.74 -4.49
N VAL A 161 -2.07 0.92 -5.37
CA VAL A 161 -2.70 -0.31 -5.85
C VAL A 161 -2.30 -1.52 -5.03
N GLY A 162 -1.63 -1.29 -3.92
CA GLY A 162 -1.27 -2.38 -3.02
C GLY A 162 -0.17 -3.28 -3.54
N LEU A 163 -0.55 -4.51 -3.86
CA LEU A 163 0.30 -5.54 -4.50
C LEU A 163 1.29 -6.13 -3.52
N ASP A 164 1.14 -5.95 -2.23
CA ASP A 164 1.75 -6.87 -1.27
C ASP A 164 0.80 -8.03 -1.06
N GLU A 165 1.21 -8.98 -0.22
CA GLU A 165 0.32 -10.08 0.16
C GLU A 165 -0.18 -10.83 -1.06
N VAL A 166 0.70 -10.99 -2.06
CA VAL A 166 0.42 -11.83 -3.23
C VAL A 166 1.21 -13.12 -3.00
N PHE A 167 0.55 -14.15 -2.51
CA PHE A 167 1.22 -15.43 -2.19
C PHE A 167 0.87 -16.54 -3.16
N LEU A 168 -0.04 -16.30 -4.09
CA LEU A 168 -0.55 -17.29 -5.00
C LEU A 168 -0.59 -16.61 -6.36
N ILE A 169 0.22 -17.10 -7.29
CA ILE A 169 0.33 -16.49 -8.61
C ILE A 169 1.03 -17.52 -9.50
N GLY A 170 0.45 -17.78 -10.66
CA GLY A 170 0.94 -18.86 -11.53
C GLY A 170 0.72 -20.23 -10.91
N GLU A 171 -0.44 -20.45 -10.31
CA GLU A 171 -0.67 -21.68 -9.56
C GLU A 171 -1.12 -22.81 -10.47
N ASP A 172 -0.73 -24.03 -10.12
CA ASP A 172 -1.20 -25.20 -10.86
C ASP A 172 -2.72 -25.22 -10.97
N ALA A 173 -3.41 -24.76 -9.93
CA ALA A 173 -4.86 -24.77 -9.94
C ALA A 173 -5.45 -23.78 -10.93
N CYS A 174 -4.67 -22.84 -11.43
CA CYS A 174 -5.23 -21.85 -12.33
C CYS A 174 -5.10 -22.30 -13.77
N PRO A 175 -6.19 -22.41 -14.53
CA PRO A 175 -6.08 -22.79 -15.95
C PRO A 175 -5.50 -21.69 -16.85
N LEU A 176 -5.58 -20.42 -16.45
CA LEU A 176 -4.96 -19.36 -17.23
C LEU A 176 -3.47 -19.22 -16.92
N CYS A 177 -3.08 -19.37 -15.65
CA CYS A 177 -1.75 -18.98 -15.23
C CYS A 177 -0.81 -20.17 -15.01
N ARG A 178 -1.30 -21.40 -15.01
CA ARG A 178 -0.44 -22.50 -14.57
C ARG A 178 0.77 -22.66 -15.50
N GLY A 179 1.92 -22.95 -14.91
CA GLY A 179 3.15 -23.09 -15.66
C GLY A 179 3.83 -21.79 -16.01
N LYS A 180 3.06 -20.70 -16.15
CA LYS A 180 3.61 -19.44 -16.62
C LYS A 180 4.59 -18.85 -15.63
N ASP A 181 5.48 -18.01 -16.15
CA ASP A 181 6.54 -17.37 -15.38
C ASP A 181 5.95 -16.36 -14.41
N LYS A 182 6.32 -16.47 -13.13
CA LYS A 182 5.68 -15.68 -12.09
C LYS A 182 6.05 -14.22 -12.17
N ALA A 183 7.29 -13.92 -12.57
CA ALA A 183 7.73 -12.53 -12.70
C ALA A 183 7.01 -11.86 -13.86
N GLU A 184 6.78 -12.60 -14.94
CA GLU A 184 6.07 -12.01 -16.06
C GLU A 184 4.61 -11.80 -15.70
N LEU A 185 3.99 -12.76 -15.01
CA LEU A 185 2.61 -12.58 -14.56
C LEU A 185 2.51 -11.32 -13.67
N PHE A 186 3.43 -11.17 -12.72
CA PHE A 186 3.31 -10.04 -11.81
C PHE A 186 3.58 -8.72 -12.51
N ALA A 187 4.61 -8.66 -13.36
CA ALA A 187 4.87 -7.44 -14.13
C ALA A 187 3.68 -7.13 -15.03
N GLY A 188 3.06 -8.15 -15.59
CA GLY A 188 1.87 -7.91 -16.40
C GLY A 188 0.77 -7.22 -15.63
N ALA A 189 0.51 -7.65 -14.41
CA ALA A 189 -0.50 -6.98 -13.59
C ALA A 189 -0.12 -5.53 -13.31
N VAL A 190 1.11 -5.29 -12.90
CA VAL A 190 1.58 -3.93 -12.62
C VAL A 190 1.41 -3.06 -13.87
N ASN A 191 1.81 -3.60 -15.03
CA ASN A 191 1.76 -2.80 -16.26
C ASN A 191 0.33 -2.54 -16.72
N ARG A 192 -0.58 -3.52 -16.56
N ARG A 192 -0.58 -3.50 -16.55
CA ARG A 192 -2.00 -3.26 -16.84
CA ARG A 192 -1.99 -3.23 -16.85
C ARG A 192 -2.51 -2.14 -15.96
C ARG A 192 -2.52 -2.13 -15.95
N LEU A 193 -2.20 -2.20 -14.65
CA LEU A 193 -2.66 -1.16 -13.75
C LEU A 193 -2.05 0.17 -14.10
N TYR A 194 -0.75 0.20 -14.41
CA TYR A 194 -0.10 1.44 -14.83
C TYR A 194 -0.75 2.04 -16.07
N ASP A 195 -1.04 1.18 -17.05
CA ASP A 195 -1.58 1.71 -18.30
C ASP A 195 -2.90 2.39 -18.02
N HIS A 196 -3.70 1.88 -17.09
CA HIS A 196 -4.95 2.56 -16.79
C HIS A 196 -4.71 3.78 -15.91
N CYS A 197 -4.04 3.60 -14.78
CA CYS A 197 -3.96 4.64 -13.79
C CYS A 197 -3.11 5.80 -14.25
N VAL A 198 -1.97 5.52 -14.86
CA VAL A 198 -1.01 6.54 -15.22
C VAL A 198 -1.24 6.99 -16.68
N LYS A 199 -1.18 6.06 -17.62
CA LYS A 199 -1.24 6.47 -19.04
C LYS A 199 -2.59 7.07 -19.39
N LYS A 200 -3.67 6.45 -18.97
CA LYS A 200 -5.02 6.92 -19.30
C LYS A 200 -5.55 7.94 -18.31
N ARG A 201 -5.49 7.65 -17.00
CA ARG A 201 -6.09 8.59 -16.08
C ARG A 201 -5.18 9.75 -15.68
N GLY A 202 -3.84 9.64 -15.86
CA GLY A 202 -2.95 10.70 -15.46
C GLY A 202 -2.56 10.73 -13.98
N PHE A 203 -2.83 9.67 -13.25
CA PHE A 203 -2.58 9.63 -11.83
C PHE A 203 -1.12 9.31 -11.56
N THR A 204 -0.72 9.53 -10.31
CA THR A 204 0.52 8.97 -9.79
C THR A 204 0.17 7.65 -9.09
N MET A 205 0.91 6.57 -9.41
N MET A 205 0.99 6.64 -9.36
CA MET A 205 0.61 5.23 -8.91
CA MET A 205 0.75 5.29 -8.90
C MET A 205 1.70 4.76 -7.92
C MET A 205 1.75 4.96 -7.81
N TYR A 206 1.25 4.29 -6.77
CA TYR A 206 2.09 3.77 -5.70
C TYR A 206 1.81 2.26 -5.53
N MET A 207 2.81 1.49 -5.09
N MET A 207 2.81 1.52 -5.05
CA MET A 207 2.63 0.10 -4.73
CA MET A 207 2.61 0.12 -4.69
C MET A 207 3.61 -0.25 -3.60
C MET A 207 3.63 -0.28 -3.64
N TRP A 208 3.35 -1.36 -2.93
CA TRP A 208 4.31 -1.92 -1.97
C TRP A 208 5.40 -2.64 -2.74
N GLY A 209 6.59 -2.62 -2.18
CA GLY A 209 7.74 -3.26 -2.84
C GLY A 209 7.94 -4.73 -2.58
N ASP A 210 7.15 -5.37 -1.72
CA ASP A 210 7.40 -6.73 -1.24
C ASP A 210 7.73 -7.70 -2.36
N ARG A 211 6.88 -7.76 -3.39
CA ARG A 211 7.06 -8.75 -4.47
C ARG A 211 8.20 -8.40 -5.39
N LEU A 212 8.83 -7.26 -5.27
CA LEU A 212 9.93 -6.85 -6.13
C LEU A 212 11.30 -7.17 -5.51
N ILE A 213 11.30 -7.73 -4.29
CA ILE A 213 12.53 -8.02 -3.53
C ILE A 213 12.79 -9.53 -3.56
N ASP A 214 14.06 -9.88 -3.80
CA ASP A 214 14.55 -11.26 -3.64
C ASP A 214 14.69 -11.53 -2.15
N SER A 215 13.78 -12.31 -1.61
CA SER A 215 13.75 -12.53 -0.17
C SER A 215 15.02 -13.26 0.30
N GLU A 216 15.76 -13.86 -0.63
CA GLU A 216 16.95 -14.65 -0.32
C GLU A 216 18.21 -13.84 -0.49
N ASP A 217 18.11 -12.58 -0.87
CA ASP A 217 19.24 -11.70 -0.94
C ASP A 217 19.55 -11.22 0.47
N GLU A 218 20.80 -11.41 0.91
CA GLU A 218 21.09 -11.17 2.30
C GLU A 218 21.07 -9.69 2.66
N ASP A 219 21.34 -8.82 1.68
CA ASP A 219 21.30 -7.40 1.91
C ASP A 219 19.89 -6.82 1.88
N SER A 220 19.13 -7.09 0.81
CA SER A 220 17.82 -6.46 0.63
C SER A 220 16.67 -7.35 1.11
N GLY A 221 16.89 -8.64 1.25
CA GLY A 221 15.87 -9.60 1.61
C GLY A 221 15.93 -9.97 3.09
N TYR A 222 15.42 -11.16 3.39
CA TYR A 222 15.35 -11.63 4.79
C TYR A 222 14.55 -10.68 5.66
N LYS A 223 13.48 -10.10 5.12
CA LYS A 223 12.70 -9.10 5.86
C LYS A 223 11.73 -9.73 6.82
N GLY A 224 10.92 -10.67 6.35
CA GLY A 224 9.85 -11.20 7.16
C GLY A 224 10.37 -12.07 8.27
N GLU A 225 9.52 -12.33 9.25
CA GLU A 225 9.91 -13.18 10.37
C GLU A 225 9.87 -14.66 9.99
N TYR A 226 9.43 -14.99 8.78
CA TYR A 226 9.35 -16.37 8.30
C TYR A 226 9.95 -16.45 6.90
N GLU A 227 10.82 -17.46 6.68
CA GLU A 227 11.35 -17.79 5.35
C GLU A 227 10.32 -18.49 4.44
N SER A 228 9.06 -18.51 4.88
CA SER A 228 7.96 -19.11 4.15
C SER A 228 7.76 -18.42 2.81
N SER A 229 7.00 -19.08 1.93
CA SER A 229 6.45 -18.54 0.68
C SER A 229 7.30 -18.85 -0.54
N CYS A 230 6.93 -18.27 -1.68
CA CYS A 230 7.72 -18.31 -2.90
C CYS A 230 8.40 -16.96 -3.12
N ASN A 231 9.45 -16.99 -3.92
CA ASN A 231 10.28 -15.83 -4.18
C ASN A 231 10.50 -15.70 -5.69
N GLY A 232 9.46 -15.92 -6.48
CA GLY A 232 9.62 -15.92 -7.91
C GLY A 232 9.18 -14.68 -8.65
N THR A 233 8.66 -13.68 -7.97
CA THR A 233 8.20 -12.51 -8.70
C THR A 233 9.25 -11.42 -8.84
N TYR A 234 10.32 -11.45 -8.04
CA TYR A 234 11.20 -10.30 -7.94
C TYR A 234 11.81 -9.81 -9.25
N PRO A 235 12.10 -10.66 -10.24
CA PRO A 235 12.63 -10.11 -11.50
C PRO A 235 11.68 -9.11 -12.18
N ALA A 236 10.41 -9.05 -11.77
CA ALA A 236 9.50 -8.01 -12.28
C ALA A 236 10.02 -6.61 -12.00
N VAL A 237 10.96 -6.45 -11.06
CA VAL A 237 11.48 -5.14 -10.73
C VAL A 237 12.08 -4.46 -11.95
N ASP A 238 12.60 -5.27 -12.90
CA ASP A 238 13.20 -4.74 -14.11
C ASP A 238 12.22 -4.63 -15.26
N LEU A 239 10.94 -4.96 -15.05
CA LEU A 239 9.97 -5.06 -16.13
C LEU A 239 8.85 -4.05 -15.98
N ILE A 240 8.96 -3.09 -15.07
CA ILE A 240 7.86 -2.16 -14.77
C ILE A 240 8.37 -0.73 -14.85
N PRO A 241 7.47 0.22 -15.08
CA PRO A 241 7.88 1.61 -15.18
C PRO A 241 8.47 2.16 -13.89
N LYS A 242 9.55 2.95 -14.03
CA LYS A 242 10.28 3.47 -12.88
C LYS A 242 9.69 4.72 -12.25
N ASP A 243 8.55 5.24 -12.80
CA ASP A 243 7.84 6.33 -12.17
C ASP A 243 6.75 5.86 -11.20
N ILE A 244 6.58 4.56 -11.06
CA ILE A 244 5.78 4.00 -9.96
C ILE A 244 6.52 4.27 -8.66
N ILE A 245 5.81 4.74 -7.64
CA ILE A 245 6.43 5.01 -6.35
C ILE A 245 6.34 3.77 -5.46
N ILE A 246 7.48 3.35 -4.94
CA ILE A 246 7.59 2.12 -4.16
C ILE A 246 7.60 2.47 -2.68
N CYS A 247 6.56 1.99 -1.98
CA CYS A 247 6.49 2.08 -0.52
C CYS A 247 7.15 0.81 0.03
N ASP A 248 8.14 1.00 0.86
CA ASP A 248 9.05 -0.08 1.27
C ASP A 248 8.99 -0.27 2.78
N TRP A 249 8.29 -1.32 3.20
CA TRP A 249 7.97 -1.55 4.61
C TRP A 249 9.12 -2.23 5.30
N HIS A 250 9.30 -1.85 6.54
N HIS A 250 9.42 -1.83 6.55
CA HIS A 250 10.22 -2.52 7.42
CA HIS A 250 10.52 -2.41 7.34
C HIS A 250 9.59 -2.58 8.79
C HIS A 250 10.18 -2.37 8.83
N TYR A 251 10.04 -3.55 9.52
CA TYR A 251 9.59 -3.59 10.89
C TYR A 251 10.71 -3.84 11.88
N ASP A 252 11.91 -4.17 11.44
N ASP A 252 11.90 -4.17 11.42
CA ASP A 252 12.98 -4.46 12.39
CA ASP A 252 13.01 -4.44 12.35
C ASP A 252 13.84 -3.24 12.65
C ASP A 252 13.80 -3.20 12.69
N GLU A 253 14.59 -3.30 13.76
CA GLU A 253 15.60 -2.33 14.12
C GLU A 253 16.96 -2.81 13.61
N LEU A 254 17.50 -2.10 12.62
CA LEU A 254 18.74 -2.48 11.94
C LEU A 254 19.62 -1.26 11.73
N GLU A 255 20.91 -1.50 11.48
CA GLU A 255 21.80 -0.42 11.12
C GLU A 255 21.73 -0.12 9.62
N ARG A 256 21.32 -1.07 8.78
CA ARG A 256 21.17 -0.85 7.36
C ARG A 256 19.92 -1.57 6.90
N TYR A 257 19.19 -0.94 5.97
CA TYR A 257 17.97 -1.49 5.39
C TYR A 257 18.20 -1.57 3.88
N GLY A 258 18.69 -2.71 3.43
CA GLY A 258 19.25 -2.83 2.11
C GLY A 258 18.26 -2.65 0.98
N SER A 259 16.96 -2.87 1.22
CA SER A 259 15.99 -2.65 0.14
C SER A 259 15.91 -1.21 -0.30
N ILE A 260 16.26 -0.25 0.54
CA ILE A 260 16.23 1.17 0.19
C ILE A 260 17.22 1.46 -0.94
N PRO A 261 18.52 1.22 -0.82
CA PRO A 261 19.39 1.42 -1.99
C PRO A 261 19.09 0.48 -3.12
N TYR A 262 18.57 -0.71 -2.86
CA TYR A 262 18.16 -1.61 -3.92
C TYR A 262 17.18 -0.89 -4.84
N PHE A 263 16.13 -0.32 -4.27
CA PHE A 263 15.14 0.36 -5.12
C PHE A 263 15.70 1.64 -5.70
N LEU A 264 16.43 2.43 -4.94
CA LEU A 264 16.96 3.69 -5.45
C LEU A 264 17.90 3.43 -6.63
N ASN A 265 18.70 2.37 -6.55
CA ASN A 265 19.68 2.10 -7.61
C ASN A 265 19.02 1.53 -8.86
N LYS A 266 17.82 0.91 -8.73
CA LYS A 266 17.00 0.48 -9.84
C LYS A 266 16.17 1.61 -10.46
N GLY A 267 16.28 2.81 -9.92
CA GLY A 267 15.68 3.98 -10.53
C GLY A 267 14.32 4.39 -10.01
N PHE A 268 13.85 3.82 -8.91
CA PHE A 268 12.52 4.14 -8.41
C PHE A 268 12.63 5.21 -7.33
N ARG A 269 11.53 5.94 -7.13
CA ARG A 269 11.34 6.74 -5.94
C ARG A 269 10.82 5.80 -4.85
N VAL A 270 11.32 6.00 -3.62
CA VAL A 270 11.04 5.09 -2.51
C VAL A 270 10.53 5.88 -1.30
N LEU A 271 9.49 5.32 -0.66
CA LEU A 271 8.92 5.85 0.57
C LEU A 271 9.06 4.79 1.67
N PRO A 272 10.13 4.84 2.46
CA PRO A 272 10.28 3.87 3.55
C PRO A 272 9.15 4.02 4.56
N THR A 273 8.66 2.87 5.02
CA THR A 273 7.46 2.78 5.88
C THR A 273 7.84 1.96 7.12
N SER A 274 7.54 2.51 8.30
CA SER A 274 7.82 1.85 9.56
C SER A 274 6.54 1.33 10.20
N PHE A 275 6.71 0.76 11.40
CA PHE A 275 5.58 0.11 12.06
C PHE A 275 5.67 0.35 13.57
N LYS A 276 6.05 -0.68 14.32
CA LYS A 276 6.00 -0.68 15.78
C LYS A 276 7.35 -0.31 16.36
N GLY A 277 7.29 0.45 17.44
CA GLY A 277 8.46 0.61 18.27
C GLY A 277 9.25 1.85 18.01
N ILE A 278 9.46 2.67 19.04
CA ILE A 278 10.22 3.90 18.87
C ILE A 278 11.60 3.59 18.31
N LYS A 279 12.31 2.61 18.89
CA LYS A 279 13.67 2.39 18.45
C LYS A 279 13.74 1.91 16.99
N ALA A 280 12.83 1.03 16.59
CA ALA A 280 12.81 0.53 15.21
C ALA A 280 12.44 1.64 14.23
N VAL A 281 11.43 2.45 14.58
CA VAL A 281 11.03 3.57 13.73
C VAL A 281 12.18 4.56 13.59
N ASN A 282 12.82 4.90 14.71
CA ASN A 282 13.92 5.83 14.68
C ASN A 282 15.10 5.28 13.85
N ALA A 283 15.35 3.97 13.94
CA ALA A 283 16.44 3.40 13.18
C ALA A 283 16.22 3.49 11.69
N LEU A 284 14.99 3.26 11.27
CA LEU A 284 14.68 3.35 9.83
C LEU A 284 14.79 4.81 9.35
N ILE A 285 14.29 5.75 10.14
CA ILE A 285 14.38 7.15 9.78
C ILE A 285 15.83 7.59 9.67
N ASP A 286 16.64 7.22 10.68
CA ASP A 286 18.05 7.61 10.64
C ASP A 286 18.77 7.01 9.45
N TYR A 287 18.51 5.74 9.12
CA TYR A 287 19.14 5.16 7.96
C TYR A 287 18.69 5.89 6.69
N SER A 288 17.39 6.13 6.56
N SER A 288 17.37 6.11 6.58
CA SER A 288 16.91 6.78 5.34
CA SER A 288 16.83 6.82 5.41
C SER A 288 17.48 8.19 5.19
C SER A 288 17.49 8.15 5.20
N LEU A 289 17.77 8.88 6.30
CA LEU A 289 18.31 10.22 6.20
C LEU A 289 19.76 10.22 5.71
N LEU A 290 20.44 9.07 5.71
CA LEU A 290 21.74 9.00 5.03
C LEU A 290 21.59 9.27 3.54
N TYR A 291 20.38 9.08 3.01
CA TYR A 291 20.08 9.32 1.60
C TYR A 291 19.33 10.62 1.39
N LYS A 292 19.38 11.55 2.35
CA LYS A 292 18.53 12.73 2.30
C LYS A 292 18.86 13.61 1.11
N ASP A 293 20.04 13.46 0.51
CA ASP A 293 20.36 14.34 -0.60
C ASP A 293 19.90 13.73 -1.92
N ASN A 294 19.39 12.50 -1.89
CA ASN A 294 18.82 11.86 -3.07
C ASN A 294 17.34 12.20 -3.14
N PRO A 295 16.90 12.98 -4.12
CA PRO A 295 15.47 13.35 -4.19
C PRO A 295 14.54 12.18 -4.38
N ALA A 296 15.03 11.03 -4.81
CA ALA A 296 14.19 9.84 -4.94
C ALA A 296 13.89 9.16 -3.61
N MET A 297 14.60 9.54 -2.55
CA MET A 297 14.23 9.06 -1.20
C MET A 297 13.22 10.05 -0.68
N LEU A 298 11.92 9.70 -0.74
CA LEU A 298 10.88 10.73 -0.64
C LEU A 298 10.60 11.24 0.76
N GLY A 299 10.87 10.44 1.78
CA GLY A 299 10.49 10.81 3.14
C GLY A 299 10.24 9.57 3.99
N HIS A 300 9.14 9.60 4.75
CA HIS A 300 8.81 8.49 5.63
C HIS A 300 7.29 8.34 5.73
N MET A 301 6.85 7.11 5.93
N MET A 301 6.84 7.11 5.94
CA MET A 301 5.46 6.82 6.25
CA MET A 301 5.43 6.80 6.23
C MET A 301 5.43 6.08 7.59
C MET A 301 5.34 6.02 7.53
N TYR A 302 4.60 6.56 8.49
CA TYR A 302 4.33 5.90 9.77
C TYR A 302 3.08 5.04 9.69
N THR A 303 3.04 3.97 10.49
N THR A 303 3.03 3.98 10.51
CA THR A 303 1.87 3.10 10.57
CA THR A 303 1.87 3.12 10.65
C THR A 303 1.65 2.74 12.04
C THR A 303 1.67 2.92 12.15
N ALA A 304 0.44 2.97 12.55
N ALA A 304 0.42 3.01 12.61
N ALA A 304 0.48 2.89 12.58
CA ALA A 304 0.13 2.78 13.97
CA ALA A 304 0.09 2.80 14.02
CA ALA A 304 0.22 2.75 14.04
C ALA A 304 -0.18 1.31 14.19
C ALA A 304 -0.20 1.31 14.22
C ALA A 304 -0.19 1.35 14.24
N TRP A 305 0.79 0.59 14.75
CA TRP A 305 0.74 -0.87 14.85
C TRP A 305 -0.61 -1.42 15.28
N ASP A 306 -0.98 -1.24 16.54
CA ASP A 306 -2.17 -1.90 17.07
C ASP A 306 -3.37 -0.96 17.14
N ASN A 307 -3.57 -0.10 16.15
CA ASN A 307 -4.67 0.85 16.18
C ASN A 307 -5.66 0.46 15.11
N PHE A 308 -6.85 0.04 15.53
CA PHE A 308 -7.88 -0.38 14.60
C PHE A 308 -9.05 0.59 14.51
N THR A 309 -9.03 1.68 15.28
CA THR A 309 -10.14 2.63 15.34
C THR A 309 -9.83 3.98 14.72
N ASN A 310 -8.54 4.34 14.61
CA ASN A 310 -8.03 5.66 14.24
C ASN A 310 -8.14 6.69 15.36
N LYS A 311 -8.65 6.35 16.51
CA LYS A 311 -8.58 7.30 17.62
C LYS A 311 -7.13 7.48 18.06
N ASN A 312 -6.77 8.70 18.39
CA ASN A 312 -5.46 9.02 18.98
C ASN A 312 -4.28 8.80 18.05
N LEU A 313 -4.48 8.70 16.72
CA LEU A 313 -3.35 8.53 15.83
C LEU A 313 -2.33 9.65 15.95
N SER A 314 -2.78 10.88 16.23
CA SER A 314 -1.87 12.00 16.36
C SER A 314 -0.99 11.93 17.59
N ARG A 315 -1.25 11.01 18.49
CA ARG A 315 -0.45 10.81 19.69
C ARG A 315 0.37 9.50 19.64
N TYR A 316 0.53 8.89 18.46
CA TYR A 316 1.29 7.66 18.33
C TYR A 316 2.74 7.92 18.68
N LYS A 317 3.22 7.31 19.77
CA LYS A 317 4.47 7.74 20.37
C LYS A 317 5.67 7.60 19.46
N PRO A 318 5.79 6.56 18.65
CA PRO A 318 6.98 6.49 17.77
C PRO A 318 7.01 7.64 16.76
N MET A 319 5.83 8.10 16.30
CA MET A 319 5.77 9.27 15.45
C MET A 319 6.08 10.54 16.25
N VAL A 320 5.43 10.70 17.41
CA VAL A 320 5.60 11.93 18.19
C VAL A 320 7.06 12.19 18.45
N LYS A 321 7.80 11.13 18.80
CA LYS A 321 9.20 11.27 19.23
C LYS A 321 10.22 11.32 18.09
N THR A 322 9.83 11.09 16.83
CA THR A 322 10.77 11.10 15.72
C THR A 322 10.45 12.11 14.62
N ILE A 323 9.22 12.61 14.55
CA ILE A 323 8.84 13.41 13.38
C ILE A 323 9.64 14.69 13.24
N ASP A 324 10.16 15.23 14.34
CA ASP A 324 10.96 16.45 14.18
C ASP A 324 12.23 16.22 13.37
N LYS A 325 12.74 14.97 13.30
CA LYS A 325 13.88 14.70 12.43
C LYS A 325 13.51 14.88 10.98
N LEU A 326 12.25 14.70 10.64
CA LEU A 326 11.83 14.82 9.26
C LEU A 326 11.36 16.21 8.93
N LYS A 327 10.82 16.92 9.91
CA LYS A 327 10.40 18.30 9.67
C LYS A 327 11.59 19.16 9.35
N ALA A 328 12.79 18.75 9.79
CA ALA A 328 14.01 19.49 9.54
C ALA A 328 14.41 19.49 8.07
N GLY A 329 13.97 18.51 7.29
CA GLY A 329 14.30 18.42 5.89
C GLY A 329 15.69 17.89 5.62
N ASN A 330 16.12 18.09 4.37
CA ASN A 330 17.48 17.69 3.97
C ASN A 330 18.52 18.73 4.34
#